data_9JGD
#
_entry.id   9JGD
#
_cell.length_a   113.240
_cell.length_b   113.240
_cell.length_c   102.820
_cell.angle_alpha   90.00
_cell.angle_beta   90.00
_cell.angle_gamma   120.00
#
_symmetry.space_group_name_H-M   'H 3 2'
#
loop_
_entity.id
_entity.type
_entity.pdbx_description
1 polymer 'Ribosomal RNA small subunit methyltransferase Nep1'
2 non-polymer 'CHLORIDE ION'
3 non-polymer "5'-DEOXY-5'-METHYLTHIOADENOSINE"
4 non-polymer 1,2-ETHANEDIOL
5 non-polymer GLYCEROL
6 non-polymer 'ACETATE ION'
7 water water
#
_entity_poly.entity_id   1
_entity_poly.type   'polypeptide(L)'
_entity_poly.pdbx_seq_one_letter_code
;MEEKKRLHLIIADAELETVPPEILDHPAIVNYAKRRKKRPEKIILDSTYHHAALRQLEDGERRGRPDIVHICLLNALDSI
LNKEDRLRVYVHTRNDYVIYIKPETRLPRNYNRFIGLMENLFEKGAVPEDLELLRMEKKTLNELIEEINPDVVFIMHEEG
ELMIPKNFGKLLDKFKKPTVIVGGFPHGDFKSKVDGVKISLYREPLMAWTIVNEVIVSYEWEVIKKFKS
;
_entity_poly.pdbx_strand_id   A
#
loop_
_chem_comp.id
_chem_comp.type
_chem_comp.name
_chem_comp.formula
ACT non-polymer 'ACETATE ION' 'C2 H3 O2 -1'
CL non-polymer 'CHLORIDE ION' 'Cl -1'
EDO non-polymer 1,2-ETHANEDIOL 'C2 H6 O2'
GOL non-polymer GLYCEROL 'C3 H8 O3'
MTA non-polymer 5'-DEOXY-5'-METHYLTHIOADENOSINE 'C11 H15 N5 O3 S'
#
# COMPACT_ATOMS: atom_id res chain seq x y z
N GLU A 2 -3.42 18.64 14.47
CA GLU A 2 -3.82 17.77 13.32
C GLU A 2 -4.31 18.58 12.10
N GLU A 3 -4.04 19.91 12.07
CA GLU A 3 -4.24 20.73 10.88
C GLU A 3 -2.90 21.35 10.43
N LYS A 4 -1.76 20.80 10.88
CA LYS A 4 -0.49 21.01 10.19
C LYS A 4 -0.46 20.23 8.87
N LYS A 5 0.46 20.59 8.00
CA LYS A 5 0.58 19.97 6.69
C LYS A 5 1.11 18.55 6.86
N ARG A 6 0.34 17.60 6.31
CA ARG A 6 0.73 16.21 6.27
C ARG A 6 0.42 15.62 4.89
N LEU A 7 1.32 14.71 4.48
CA LEU A 7 1.13 13.92 3.28
C LEU A 7 0.28 12.71 3.69
N HIS A 8 -0.73 12.41 2.85
CA HIS A 8 -1.60 11.25 2.98
C HIS A 8 -1.27 10.36 1.79
N LEU A 9 -0.62 9.24 2.07
CA LEU A 9 -0.10 8.35 1.06
C LEU A 9 -0.92 7.06 1.04
N ILE A 10 -1.38 6.66 -0.13
CA ILE A 10 -2.24 5.51 -0.26
C ILE A 10 -1.59 4.54 -1.23
N ILE A 11 -1.29 3.33 -0.76
CA ILE A 11 -0.81 2.30 -1.65
C ILE A 11 -2.09 1.63 -2.14
N ALA A 12 -2.38 1.70 -3.46
CA ALA A 12 -3.73 1.37 -3.89
C ALA A 12 -3.74 0.15 -4.79
N ASP A 13 -4.95 -0.42 -4.91
CA ASP A 13 -5.17 -1.65 -5.63
C ASP A 13 -4.08 -2.65 -5.30
N ALA A 14 -3.74 -2.75 -4.01
CA ALA A 14 -2.63 -3.56 -3.55
C ALA A 14 -2.98 -5.03 -3.67
N GLU A 15 -2.00 -5.81 -4.12
CA GLU A 15 -2.10 -7.26 -4.30
C GLU A 15 -1.85 -7.95 -2.95
N LEU A 16 -2.70 -7.62 -1.97
CA LEU A 16 -2.67 -8.15 -0.62
C LEU A 16 -4.03 -8.74 -0.28
N GLU A 17 -4.11 -10.07 -0.15
CA GLU A 17 -5.37 -10.78 0.02
C GLU A 17 -5.04 -12.17 0.54
N THR A 18 -6.04 -12.83 1.15
CA THR A 18 -5.90 -14.23 1.49
C THR A 18 -6.06 -15.08 0.23
N VAL A 19 -5.74 -16.36 0.32
CA VAL A 19 -5.91 -17.24 -0.81
C VAL A 19 -7.31 -17.07 -1.39
N PRO A 20 -7.43 -16.75 -2.69
CA PRO A 20 -8.72 -16.62 -3.35
C PRO A 20 -9.57 -17.88 -3.21
N PRO A 21 -10.89 -17.69 -2.95
CA PRO A 21 -11.82 -18.80 -2.83
C PRO A 21 -11.81 -19.76 -4.03
N GLU A 22 -11.54 -19.25 -5.23
CA GLU A 22 -11.55 -20.08 -6.42
C GLU A 22 -10.48 -21.16 -6.37
N ILE A 23 -9.40 -20.98 -5.59
CA ILE A 23 -8.27 -21.89 -5.64
C ILE A 23 -7.97 -22.56 -4.30
N LEU A 24 -8.88 -22.45 -3.31
CA LEU A 24 -8.61 -22.98 -1.98
C LEU A 24 -8.35 -24.48 -2.02
N ASP A 25 -8.89 -25.21 -3.01
CA ASP A 25 -8.59 -26.64 -3.10
C ASP A 25 -7.75 -26.96 -4.35
N HIS A 26 -6.98 -25.97 -4.84
CA HIS A 26 -5.96 -26.23 -5.85
C HIS A 26 -4.75 -26.90 -5.18
N PRO A 27 -4.21 -28.01 -5.76
CA PRO A 27 -3.15 -28.80 -5.12
C PRO A 27 -2.06 -28.05 -4.36
N ALA A 28 -1.39 -27.11 -5.04
CA ALA A 28 -0.27 -26.38 -4.46
C ALA A 28 -0.70 -25.60 -3.21
N ILE A 29 -2.02 -25.39 -3.06
CA ILE A 29 -2.61 -24.66 -1.94
C ILE A 29 -2.95 -25.63 -0.80
N VAL A 30 -3.47 -26.80 -1.14
CA VAL A 30 -3.80 -27.77 -0.11
C VAL A 30 -2.53 -28.26 0.59
N ASN A 31 -1.39 -28.29 -0.13
CA ASN A 31 -0.14 -28.86 0.39
C ASN A 31 0.69 -27.81 1.11
N TYR A 32 0.76 -26.61 0.55
CA TYR A 32 1.28 -25.49 1.32
C TYR A 32 0.53 -25.47 2.65
N ALA A 33 -0.81 -25.50 2.60
CA ALA A 33 -1.64 -25.24 3.76
C ALA A 33 -1.38 -26.27 4.86
N LYS A 34 -1.41 -27.57 4.49
CA LYS A 34 -1.11 -28.66 5.41
C LYS A 34 0.31 -28.52 5.97
N ARG A 35 1.27 -28.29 5.08
CA ARG A 35 2.66 -28.16 5.48
C ARG A 35 2.77 -27.08 6.56
N ARG A 36 2.00 -26.00 6.45
CA ARG A 36 2.07 -24.95 7.46
C ARG A 36 1.08 -25.22 8.60
N LYS A 37 0.35 -26.34 8.53
CA LYS A 37 -0.72 -26.67 9.48
C LYS A 37 -1.63 -25.47 9.72
N LYS A 38 -2.07 -24.81 8.63
CA LYS A 38 -2.98 -23.67 8.74
C LYS A 38 -4.06 -23.81 7.67
N ARG A 39 -5.25 -23.29 7.99
CA ARG A 39 -6.38 -23.38 7.07
C ARG A 39 -6.09 -22.50 5.86
N PRO A 40 -6.20 -23.02 4.61
CA PRO A 40 -5.76 -22.30 3.42
C PRO A 40 -6.41 -20.94 3.22
N GLU A 41 -7.63 -20.78 3.72
CA GLU A 41 -8.30 -19.50 3.55
C GLU A 41 -7.69 -18.41 4.44
N LYS A 42 -6.91 -18.80 5.45
CA LYS A 42 -6.35 -17.85 6.41
C LYS A 42 -5.01 -17.31 5.95
N ILE A 43 -4.42 -17.96 4.95
CA ILE A 43 -3.10 -17.71 4.46
C ILE A 43 -3.11 -16.57 3.44
N ILE A 44 -2.09 -15.70 3.54
CA ILE A 44 -1.91 -14.61 2.59
C ILE A 44 -1.37 -15.16 1.27
N LEU A 45 -1.99 -14.77 0.16
CA LEU A 45 -1.54 -15.21 -1.13
C LEU A 45 -0.14 -14.62 -1.38
N ASP A 46 0.77 -15.51 -1.77
CA ASP A 46 2.17 -15.24 -2.00
C ASP A 46 2.56 -15.95 -3.31
N SER A 47 2.78 -15.17 -4.36
CA SER A 47 3.01 -15.68 -5.71
C SER A 47 4.32 -16.45 -5.78
N THR A 48 5.21 -16.18 -4.83
CA THR A 48 6.50 -16.86 -4.77
C THR A 48 6.28 -18.35 -4.49
N TYR A 49 5.36 -18.68 -3.56
CA TYR A 49 5.09 -20.06 -3.21
C TYR A 49 3.97 -20.67 -4.06
N HIS A 50 3.00 -19.85 -4.46
CA HIS A 50 1.73 -20.35 -4.95
C HIS A 50 1.60 -20.18 -6.46
N HIS A 51 2.73 -20.07 -7.19
CA HIS A 51 2.72 -19.62 -8.58
C HIS A 51 1.94 -20.57 -9.51
N ALA A 52 2.09 -21.88 -9.26
CA ALA A 52 1.40 -22.89 -10.05
C ALA A 52 -0.13 -22.82 -9.85
N ALA A 53 -0.64 -22.17 -8.78
CA ALA A 53 -2.08 -22.04 -8.59
C ALA A 53 -2.65 -20.73 -9.13
N LEU A 54 -1.82 -19.81 -9.67
CA LEU A 54 -2.33 -18.53 -10.12
C LEU A 54 -2.66 -18.55 -11.62
N ARG A 55 -2.16 -19.60 -12.32
CA ARG A 55 -2.20 -19.71 -13.77
C ARG A 55 -3.58 -19.41 -14.34
N GLN A 56 -4.62 -19.98 -13.73
CA GLN A 56 -5.97 -19.86 -14.27
C GLN A 56 -6.74 -18.74 -13.56
N LEU A 57 -6.26 -18.25 -12.40
CA LEU A 57 -6.87 -17.11 -11.72
C LEU A 57 -6.94 -15.90 -12.63
N GLU A 58 -8.01 -15.11 -12.46
CA GLU A 58 -8.13 -13.83 -13.13
C GLU A 58 -7.03 -12.92 -12.60
N ASP A 59 -6.30 -12.28 -13.51
CA ASP A 59 -5.23 -11.35 -13.15
C ASP A 59 -4.12 -12.09 -12.41
N GLY A 60 -4.04 -13.41 -12.59
CA GLY A 60 -3.21 -14.24 -11.73
C GLY A 60 -1.75 -13.82 -11.73
N GLU A 61 -1.29 -13.32 -12.89
CA GLU A 61 0.11 -12.99 -13.10
C GLU A 61 0.56 -11.89 -12.12
N ARG A 62 -0.33 -10.98 -11.72
CA ARG A 62 0.08 -9.85 -10.90
C ARG A 62 -0.45 -9.95 -9.47
N ARG A 63 -1.02 -11.11 -9.10
CA ARG A 63 -1.60 -11.29 -7.79
C ARG A 63 -0.64 -11.98 -6.81
N GLY A 64 -0.94 -11.82 -5.52
CA GLY A 64 -0.14 -12.33 -4.43
C GLY A 64 1.25 -11.69 -4.37
N ARG A 65 1.27 -10.36 -4.28
CA ARG A 65 2.52 -9.61 -4.13
C ARG A 65 2.45 -8.74 -2.89
N PRO A 66 2.30 -9.35 -1.69
CA PRO A 66 2.33 -8.55 -0.46
C PRO A 66 3.71 -8.03 -0.04
N ASP A 67 4.77 -8.50 -0.71
CA ASP A 67 6.12 -7.98 -0.55
C ASP A 67 6.15 -6.50 -0.96
N ILE A 68 5.39 -6.13 -2.00
CA ILE A 68 5.41 -4.75 -2.44
C ILE A 68 4.91 -3.85 -1.31
N VAL A 69 3.86 -4.27 -0.63
CA VAL A 69 3.28 -3.53 0.49
C VAL A 69 4.26 -3.50 1.65
N HIS A 70 4.87 -4.64 1.96
CA HIS A 70 5.87 -4.68 3.02
C HIS A 70 6.95 -3.61 2.79
N ILE A 71 7.56 -3.60 1.60
CA ILE A 71 8.69 -2.71 1.35
C ILE A 71 8.22 -1.26 1.26
N CYS A 72 7.03 -1.02 0.70
CA CYS A 72 6.50 0.34 0.71
C CYS A 72 6.25 0.87 2.12
N LEU A 73 5.74 0.00 3.00
CA LEU A 73 5.41 0.42 4.35
C LEU A 73 6.67 0.59 5.19
N LEU A 74 7.70 -0.26 5.00
CA LEU A 74 8.93 -0.05 5.76
C LEU A 74 9.53 1.29 5.35
N ASN A 75 9.52 1.58 4.06
CA ASN A 75 10.07 2.84 3.61
C ASN A 75 9.29 3.99 4.23
N ALA A 76 7.96 3.89 4.24
CA ALA A 76 7.17 5.05 4.64
C ALA A 76 7.19 5.28 6.15
N LEU A 77 6.94 4.21 6.93
CA LEU A 77 6.84 4.28 8.37
C LEU A 77 8.18 4.59 9.05
N ASP A 78 9.29 4.24 8.44
CA ASP A 78 10.56 4.56 9.06
C ASP A 78 11.09 5.93 8.55
N SER A 79 10.36 6.60 7.67
CA SER A 79 10.82 7.86 7.11
C SER A 79 11.02 8.88 8.23
N ILE A 80 11.97 9.80 7.98
CA ILE A 80 12.05 11.03 8.73
C ILE A 80 10.71 11.74 8.67
N LEU A 81 10.07 11.80 7.49
CA LEU A 81 8.77 12.45 7.36
C LEU A 81 7.80 11.86 8.37
N ASN A 82 7.81 10.51 8.50
CA ASN A 82 6.93 9.87 9.46
C ASN A 82 7.22 10.25 10.90
N LYS A 83 8.49 10.29 11.29
CA LYS A 83 8.88 10.63 12.65
C LYS A 83 8.55 12.07 13.02
N GLU A 84 8.42 12.96 12.02
CA GLU A 84 8.12 14.37 12.21
C GLU A 84 6.62 14.63 12.18
N ASP A 85 5.81 13.57 12.18
CA ASP A 85 4.36 13.67 12.25
C ASP A 85 3.79 14.33 11.01
N ARG A 86 4.42 14.11 9.86
CA ARG A 86 3.96 14.71 8.62
C ARG A 86 3.54 13.65 7.61
N LEU A 87 3.19 12.44 8.08
CA LEU A 87 2.72 11.43 7.16
C LEU A 87 1.60 10.59 7.78
N ARG A 88 0.61 10.26 6.93
CA ARG A 88 -0.43 9.29 7.22
C ARG A 88 -0.48 8.32 6.04
N VAL A 89 -0.45 7.02 6.31
CA VAL A 89 -0.34 6.10 5.19
C VAL A 89 -1.50 5.10 5.26
N TYR A 90 -1.97 4.67 4.10
CA TYR A 90 -3.10 3.75 4.01
C TYR A 90 -2.81 2.69 2.95
N VAL A 91 -3.38 1.48 3.12
CA VAL A 91 -3.38 0.48 2.07
C VAL A 91 -4.80 0.27 1.58
N HIS A 92 -4.97 0.35 0.26
CA HIS A 92 -6.20 -0.09 -0.38
C HIS A 92 -5.87 -1.32 -1.24
N THR A 93 -6.66 -2.37 -1.03
CA THR A 93 -6.39 -3.63 -1.69
C THR A 93 -7.27 -3.75 -2.91
N ARG A 94 -6.92 -4.72 -3.76
CA ARG A 94 -7.56 -5.00 -5.04
C ARG A 94 -8.98 -5.53 -4.82
N ASN A 95 -9.36 -5.84 -3.57
CA ASN A 95 -10.69 -6.37 -3.26
C ASN A 95 -11.54 -5.30 -2.56
N ASP A 96 -11.06 -4.05 -2.54
CA ASP A 96 -11.79 -2.95 -1.95
C ASP A 96 -11.94 -3.14 -0.43
N TYR A 97 -10.81 -3.41 0.22
CA TYR A 97 -10.62 -3.23 1.63
C TYR A 97 -9.57 -2.17 1.86
N VAL A 98 -9.65 -1.52 3.02
CA VAL A 98 -8.67 -0.53 3.36
C VAL A 98 -8.07 -0.90 4.72
N ILE A 99 -6.76 -0.71 4.82
CA ILE A 99 -6.06 -0.80 6.08
C ILE A 99 -5.54 0.57 6.45
N TYR A 100 -6.00 1.00 7.63
CA TYR A 100 -5.60 2.19 8.32
C TYR A 100 -4.45 1.85 9.25
N ILE A 101 -3.48 2.75 9.35
CA ILE A 101 -2.21 2.49 10.01
C ILE A 101 -1.92 3.66 10.95
N LYS A 102 -1.81 3.40 12.24
CA LYS A 102 -1.47 4.48 13.15
C LYS A 102 -0.01 4.86 12.93
N PRO A 103 0.34 6.15 12.93
CA PRO A 103 1.71 6.56 12.60
C PRO A 103 2.82 5.81 13.36
N GLU A 104 2.54 5.47 14.62
CA GLU A 104 3.54 4.95 15.53
C GLU A 104 3.76 3.45 15.30
N THR A 105 3.04 2.86 14.35
CA THR A 105 3.11 1.43 14.09
C THR A 105 4.55 0.97 13.74
N ARG A 106 5.03 -0.10 14.36
CA ARG A 106 6.32 -0.66 13.98
C ARG A 106 6.09 -1.98 13.26
N LEU A 107 6.08 -1.94 11.93
CA LEU A 107 5.93 -3.14 11.11
C LEU A 107 7.12 -4.07 11.37
N PRO A 108 6.89 -5.40 11.44
CA PRO A 108 7.99 -6.36 11.40
C PRO A 108 8.89 -6.02 10.21
N ARG A 109 10.19 -5.90 10.48
CA ARG A 109 11.19 -5.74 9.43
C ARG A 109 11.24 -7.02 8.60
N ASN A 110 10.96 -8.15 9.26
CA ASN A 110 11.10 -9.44 8.63
C ASN A 110 9.84 -9.84 7.89
N TYR A 111 9.99 -10.23 6.61
CA TYR A 111 8.86 -10.45 5.73
C TYR A 111 7.87 -11.49 6.29
N ASN A 112 8.41 -12.57 6.85
CA ASN A 112 7.56 -13.67 7.26
C ASN A 112 6.80 -13.27 8.53
N ARG A 113 7.35 -12.36 9.35
CA ARG A 113 6.61 -11.86 10.50
C ARG A 113 5.52 -10.89 10.04
N PHE A 114 5.82 -10.11 9.01
CA PHE A 114 4.84 -9.23 8.41
C PHE A 114 3.67 -10.05 7.89
N ILE A 115 3.97 -11.19 7.23
CA ILE A 115 2.95 -12.07 6.69
C ILE A 115 2.06 -12.58 7.82
N GLY A 116 2.71 -13.07 8.88
CA GLY A 116 2.07 -13.52 10.11
C GLY A 116 1.10 -12.47 10.63
N LEU A 117 1.56 -11.21 10.61
CA LEU A 117 0.79 -10.11 11.14
C LEU A 117 -0.41 -9.80 10.25
N MET A 118 -0.21 -9.90 8.93
CA MET A 118 -1.31 -9.68 7.99
C MET A 118 -2.38 -10.78 8.11
N GLU A 119 -1.95 -12.02 8.39
CA GLU A 119 -2.91 -13.09 8.55
C GLU A 119 -3.80 -12.79 9.75
N ASN A 120 -3.20 -12.27 10.82
CA ASN A 120 -3.93 -11.88 12.01
C ASN A 120 -4.84 -10.71 11.69
N LEU A 121 -4.35 -9.69 10.99
CA LEU A 121 -5.17 -8.52 10.69
C LEU A 121 -6.42 -8.92 9.90
N PHE A 122 -6.26 -9.81 8.90
CA PHE A 122 -7.37 -10.23 8.07
C PHE A 122 -8.40 -11.02 8.88
N GLU A 123 -7.92 -11.81 9.84
CA GLU A 123 -8.75 -12.65 10.68
C GLU A 123 -9.53 -11.81 11.70
N LYS A 124 -8.88 -10.88 12.39
CA LYS A 124 -9.52 -10.23 13.52
C LYS A 124 -10.03 -8.85 13.14
N GLY A 125 -9.54 -8.29 12.03
CA GLY A 125 -10.00 -7.00 11.56
C GLY A 125 -9.20 -5.83 12.15
N ALA A 126 -8.37 -6.09 13.17
CA ALA A 126 -7.65 -5.03 13.86
C ALA A 126 -6.59 -5.65 14.77
N VAL A 127 -5.36 -5.12 14.73
CA VAL A 127 -4.30 -5.66 15.57
C VAL A 127 -3.51 -4.52 16.22
N PRO A 128 -2.96 -4.70 17.45
CA PRO A 128 -3.48 -5.66 18.41
C PRO A 128 -4.86 -5.34 18.99
N GLU A 129 -5.40 -6.30 19.73
CA GLU A 129 -6.77 -6.27 20.20
C GLU A 129 -7.22 -4.86 20.64
N ASP A 130 -6.40 -4.18 21.46
CA ASP A 130 -6.78 -2.89 22.03
C ASP A 130 -6.37 -1.71 21.14
N LEU A 131 -5.08 -1.64 20.79
CA LEU A 131 -4.48 -0.49 20.14
C LEU A 131 -5.13 -0.20 18.78
N GLU A 132 -5.50 -1.29 18.08
CA GLU A 132 -5.88 -1.21 16.68
C GLU A 132 -4.90 -0.27 15.98
N LEU A 133 -3.59 -0.56 16.11
CA LEU A 133 -2.58 0.11 15.30
C LEU A 133 -2.83 -0.13 13.81
N LEU A 134 -3.24 -1.36 13.47
CA LEU A 134 -3.76 -1.70 12.17
C LEU A 134 -5.24 -2.04 12.30
N ARG A 135 -6.02 -1.59 11.32
CA ARG A 135 -7.48 -1.68 11.30
C ARG A 135 -7.89 -1.79 9.85
N MET A 136 -8.74 -2.77 9.51
CA MET A 136 -9.14 -3.08 8.15
C MET A 136 -10.66 -2.99 7.99
N GLU A 137 -11.15 -2.53 6.85
CA GLU A 137 -12.56 -2.64 6.61
C GLU A 137 -12.84 -2.51 5.14
N LYS A 138 -14.07 -2.90 4.77
CA LYS A 138 -14.52 -2.87 3.40
C LYS A 138 -14.61 -1.41 2.97
N LYS A 139 -14.07 -1.08 1.80
CA LYS A 139 -14.08 0.30 1.39
C LYS A 139 -13.50 0.45 -0.01
N THR A 140 -14.10 1.34 -0.81
CA THR A 140 -13.56 1.60 -2.13
C THR A 140 -12.53 2.71 -1.97
N LEU A 141 -11.81 3.01 -3.07
CA LEU A 141 -10.80 4.05 -3.04
C LEU A 141 -11.47 5.41 -2.85
N ASN A 142 -12.59 5.63 -3.55
CA ASN A 142 -13.33 6.89 -3.47
C ASN A 142 -13.91 7.08 -2.08
N GLU A 143 -14.37 6.01 -1.44
CA GLU A 143 -14.91 6.10 -0.09
C GLU A 143 -13.79 6.55 0.85
N LEU A 144 -12.57 6.02 0.61
CA LEU A 144 -11.42 6.37 1.44
C LEU A 144 -11.04 7.84 1.25
N ILE A 145 -10.94 8.25 -0.01
CA ILE A 145 -10.65 9.64 -0.35
C ILE A 145 -11.68 10.58 0.27
N GLU A 146 -12.94 10.17 0.39
CA GLU A 146 -14.01 11.00 0.95
C GLU A 146 -13.74 11.32 2.42
N GLU A 147 -13.33 10.28 3.14
CA GLU A 147 -12.93 10.38 4.52
C GLU A 147 -11.73 11.29 4.70
N ILE A 148 -10.69 11.05 3.91
CA ILE A 148 -9.48 11.84 4.06
C ILE A 148 -9.82 13.32 3.82
N ASN A 149 -10.67 13.56 2.83
CA ASN A 149 -11.11 14.90 2.52
C ASN A 149 -9.89 15.75 2.25
N PRO A 150 -9.06 15.38 1.24
CA PRO A 150 -7.85 16.14 0.87
C PRO A 150 -8.22 17.40 0.07
N ASP A 151 -7.26 18.34 -0.05
CA ASP A 151 -7.46 19.50 -0.91
C ASP A 151 -6.83 19.22 -2.27
N VAL A 152 -6.14 18.09 -2.44
CA VAL A 152 -5.72 17.73 -3.78
C VAL A 152 -5.34 16.25 -3.79
N VAL A 153 -5.51 15.61 -4.94
CA VAL A 153 -5.20 14.22 -5.11
C VAL A 153 -4.25 14.08 -6.28
N PHE A 154 -3.12 13.43 -6.03
CA PHE A 154 -2.18 13.14 -7.09
C PHE A 154 -2.17 11.65 -7.27
N ILE A 155 -2.04 11.21 -8.51
CA ILE A 155 -1.91 9.81 -8.80
C ILE A 155 -0.60 9.59 -9.54
N MET A 156 0.28 8.78 -8.95
CA MET A 156 1.57 8.54 -9.51
C MET A 156 1.42 7.55 -10.68
N HIS A 157 1.81 8.02 -11.87
CA HIS A 157 1.65 7.25 -13.09
C HIS A 157 2.82 7.58 -13.98
N GLU A 158 3.44 6.55 -14.53
CA GLU A 158 4.58 6.74 -15.41
C GLU A 158 4.22 7.62 -16.63
N GLU A 159 2.95 7.56 -17.04
CA GLU A 159 2.48 8.28 -18.21
C GLU A 159 1.80 9.60 -17.82
N GLY A 160 1.90 10.08 -16.59
CA GLY A 160 1.33 11.38 -16.27
C GLY A 160 2.26 12.54 -16.59
N GLU A 161 1.91 13.75 -16.14
CA GLU A 161 2.71 14.94 -16.31
C GLU A 161 4.08 14.75 -15.65
N LEU A 162 5.19 14.88 -16.40
CA LEU A 162 6.50 14.58 -15.87
C LEU A 162 6.97 15.71 -14.94
N MET A 163 7.43 15.33 -13.75
CA MET A 163 8.01 16.29 -12.82
C MET A 163 9.34 15.78 -12.27
N ILE A 164 10.23 16.76 -12.05
CA ILE A 164 11.45 16.55 -11.28
C ILE A 164 10.98 16.31 -9.85
N PRO A 165 11.43 15.22 -9.19
CA PRO A 165 10.99 14.94 -7.84
C PRO A 165 11.13 16.12 -6.87
N LYS A 166 12.28 16.80 -6.90
CA LYS A 166 12.47 18.02 -6.13
C LYS A 166 11.22 18.90 -6.30
N ASN A 167 10.82 19.12 -7.55
CA ASN A 167 9.78 20.05 -7.87
C ASN A 167 8.43 19.50 -7.43
N PHE A 168 8.28 18.17 -7.41
CA PHE A 168 7.01 17.61 -6.98
C PHE A 168 6.84 17.83 -5.49
N GLY A 169 7.96 17.73 -4.75
CA GLY A 169 7.97 18.03 -3.32
C GLY A 169 7.52 19.47 -3.02
N LYS A 170 8.02 20.38 -3.86
CA LYS A 170 7.68 21.78 -3.71
C LYS A 170 6.19 21.93 -3.95
N LEU A 171 5.69 21.19 -4.92
CA LEU A 171 4.29 21.31 -5.31
C LEU A 171 3.39 20.82 -4.18
N LEU A 172 3.73 19.66 -3.61
CA LEU A 172 2.92 19.07 -2.55
C LEU A 172 2.87 20.01 -1.36
N ASP A 173 3.97 20.78 -1.16
CA ASP A 173 4.07 21.65 0.00
C ASP A 173 3.22 22.90 -0.15
N LYS A 174 2.54 23.04 -1.29
CA LYS A 174 1.63 24.15 -1.47
C LYS A 174 0.24 23.80 -0.98
N PHE A 175 -0.05 22.54 -0.63
CA PHE A 175 -1.40 22.18 -0.22
C PHE A 175 -1.42 21.87 1.28
N LYS A 176 -2.61 21.79 1.88
CA LYS A 176 -2.70 21.53 3.31
C LYS A 176 -2.74 20.03 3.62
N LYS A 177 -3.33 19.27 2.71
CA LYS A 177 -3.72 17.91 3.00
C LYS A 177 -3.63 17.14 1.69
N PRO A 178 -2.45 17.12 1.03
CA PRO A 178 -2.29 16.47 -0.27
C PRO A 178 -2.32 14.95 -0.09
N THR A 179 -2.94 14.28 -1.07
CA THR A 179 -3.05 12.84 -1.06
C THR A 179 -2.27 12.36 -2.26
N VAL A 180 -1.43 11.34 -2.06
CA VAL A 180 -0.68 10.80 -3.17
C VAL A 180 -0.98 9.32 -3.20
N ILE A 181 -1.24 8.79 -4.40
CA ILE A 181 -1.66 7.41 -4.59
C ILE A 181 -0.61 6.69 -5.46
N VAL A 182 -0.09 5.57 -4.96
CA VAL A 182 0.85 4.73 -5.65
C VAL A 182 0.28 3.33 -5.78
N GLY A 183 0.38 2.72 -6.98
CA GLY A 183 -0.15 1.39 -7.17
C GLY A 183 0.69 0.33 -6.44
N GLY A 184 0.00 -0.59 -5.73
CA GLY A 184 0.68 -1.65 -5.00
C GLY A 184 0.74 -2.95 -5.79
N PHE A 185 0.97 -2.84 -7.08
CA PHE A 185 0.95 -3.97 -8.01
C PHE A 185 2.23 -3.91 -8.85
N PRO A 186 2.73 -5.06 -9.34
CA PRO A 186 4.05 -5.08 -9.95
C PRO A 186 4.10 -4.45 -11.35
N HIS A 187 2.99 -4.51 -12.10
CA HIS A 187 2.94 -3.93 -13.43
C HIS A 187 1.48 -3.75 -13.85
N GLY A 188 1.32 -2.95 -14.90
CA GLY A 188 0.02 -2.61 -15.46
C GLY A 188 -0.53 -1.32 -14.88
N ASP A 189 -1.86 -1.16 -14.98
CA ASP A 189 -2.50 0.11 -14.65
C ASP A 189 -3.35 -0.07 -13.41
N PHE A 190 -3.79 1.05 -12.86
CA PHE A 190 -4.76 1.07 -11.80
C PHE A 190 -6.03 0.36 -12.28
N LYS A 191 -6.70 -0.31 -11.34
CA LYS A 191 -8.04 -0.81 -11.55
C LYS A 191 -9.03 0.29 -11.14
N SER A 192 -8.76 0.97 -10.01
CA SER A 192 -9.64 1.97 -9.42
C SER A 192 -9.36 3.34 -10.04
N LYS A 193 -10.15 3.74 -11.04
CA LYS A 193 -10.05 5.08 -11.64
C LYS A 193 -10.74 6.10 -10.73
N VAL A 194 -9.97 7.03 -10.18
CA VAL A 194 -10.53 8.14 -9.40
C VAL A 194 -9.97 9.45 -9.93
N ASP A 195 -10.59 10.55 -9.50
CA ASP A 195 -10.24 11.89 -9.95
C ASP A 195 -8.91 12.28 -9.32
N GLY A 196 -8.00 12.82 -10.13
CA GLY A 196 -6.73 13.32 -9.62
C GLY A 196 -5.73 13.63 -10.74
N VAL A 197 -4.63 14.26 -10.35
CA VAL A 197 -3.59 14.62 -11.28
C VAL A 197 -2.55 13.51 -11.34
N LYS A 198 -2.33 13.04 -12.55
CA LYS A 198 -1.37 12.00 -12.86
C LYS A 198 0.03 12.59 -12.95
N ILE A 199 0.96 12.08 -12.14
CA ILE A 199 2.33 12.59 -12.10
C ILE A 199 3.32 11.46 -12.37
N SER A 200 4.20 11.68 -13.35
CA SER A 200 5.35 10.83 -13.59
C SER A 200 6.57 11.46 -12.96
N LEU A 201 7.43 10.64 -12.35
CA LEU A 201 8.68 11.14 -11.81
C LEU A 201 9.84 10.65 -12.65
N TYR A 202 9.57 10.00 -13.77
CA TYR A 202 10.64 9.43 -14.56
C TYR A 202 10.02 8.72 -15.73
N ARG A 203 10.75 8.69 -16.83
CA ARG A 203 10.11 8.35 -18.07
C ARG A 203 10.33 6.88 -18.40
N GLU A 204 10.60 6.08 -17.36
CA GLU A 204 10.53 4.63 -17.42
C GLU A 204 9.79 4.12 -16.18
N PRO A 205 9.28 2.89 -16.23
CA PRO A 205 8.59 2.34 -15.08
C PRO A 205 9.54 2.07 -13.92
N LEU A 206 9.08 2.43 -12.72
CA LEU A 206 9.80 2.20 -11.49
C LEU A 206 8.92 1.34 -10.60
N MET A 207 9.51 0.82 -9.55
CA MET A 207 8.77 0.03 -8.59
C MET A 207 8.12 0.97 -7.59
N ALA A 208 7.04 0.50 -6.97
CA ALA A 208 6.26 1.37 -6.09
C ALA A 208 7.12 1.98 -4.98
N TRP A 209 8.06 1.21 -4.41
CA TRP A 209 8.77 1.69 -3.23
C TRP A 209 9.77 2.82 -3.59
N THR A 210 10.35 2.73 -4.78
CA THR A 210 11.17 3.79 -5.33
C THR A 210 10.36 5.08 -5.41
N ILE A 211 9.12 4.97 -5.91
CA ILE A 211 8.27 6.14 -6.03
C ILE A 211 7.92 6.68 -4.65
N VAL A 212 7.63 5.77 -3.72
CA VAL A 212 7.31 6.17 -2.36
C VAL A 212 8.46 7.01 -1.81
N ASN A 213 9.72 6.56 -2.06
CA ASN A 213 10.93 7.23 -1.58
C ASN A 213 11.10 8.61 -2.23
N GLU A 214 10.93 8.67 -3.56
CA GLU A 214 11.08 9.93 -4.27
C GLU A 214 10.10 10.96 -3.70
N VAL A 215 8.86 10.56 -3.52
CA VAL A 215 7.83 11.45 -3.01
C VAL A 215 8.12 11.85 -1.56
N ILE A 216 8.40 10.86 -0.71
CA ILE A 216 8.54 11.16 0.69
C ILE A 216 9.76 12.03 0.91
N VAL A 217 10.87 11.73 0.23
CA VAL A 217 12.10 12.48 0.51
C VAL A 217 12.00 13.90 -0.04
N SER A 218 11.43 14.05 -1.24
CA SER A 218 11.26 15.37 -1.83
C SER A 218 10.32 16.22 -0.96
N TYR A 219 9.29 15.62 -0.35
CA TYR A 219 8.39 16.36 0.50
C TYR A 219 9.06 16.74 1.83
N GLU A 220 9.77 15.82 2.47
CA GLU A 220 10.52 16.17 3.69
C GLU A 220 11.29 17.48 3.56
N TRP A 221 11.95 17.70 2.43
CA TRP A 221 12.92 18.77 2.30
C TRP A 221 12.25 20.12 2.13
N GLU A 222 10.97 20.09 1.80
CA GLU A 222 10.18 21.30 1.73
C GLU A 222 9.44 21.54 3.04
N VAL A 223 8.96 20.49 3.68
CA VAL A 223 7.88 20.62 4.65
C VAL A 223 8.46 20.61 6.06
N ILE A 224 9.61 19.98 6.24
CA ILE A 224 10.25 20.00 7.54
C ILE A 224 11.12 21.24 7.57
N LYS A 225 10.76 22.18 8.45
CA LYS A 225 11.23 23.57 8.42
C LYS A 225 12.71 23.67 8.79
N LYS A 226 13.15 22.74 9.63
CA LYS A 226 14.53 22.65 10.02
C LYS A 226 15.37 22.03 8.88
N PHE A 227 14.75 21.71 7.73
CA PHE A 227 15.45 21.36 6.49
C PHE A 227 15.27 22.46 5.44
CL CL B . 2.87 23.47 9.29
CS MTA C . 3.14 -0.64 -11.75
S5' MTA C . 4.50 0.01 -10.77
C5' MTA C . 3.70 0.44 -9.22
C4' MTA C . 3.25 1.87 -9.10
O4' MTA C . 4.41 2.72 -9.15
C2' MTA C . 2.55 3.93 -10.01
O2' MTA C . 1.76 4.52 -8.99
C3' MTA C . 2.35 2.42 -10.21
O3' MTA C . 1.00 1.98 -10.01
C1' MTA C . 4.04 3.98 -9.67
N9 MTA C . 4.98 4.28 -10.76
C8 MTA C . 5.75 3.39 -11.48
N7 MTA C . 6.59 3.98 -12.32
C5 MTA C . 6.35 5.34 -12.13
C6 MTA C . 6.92 6.49 -12.71
N6 MTA C . 7.86 6.49 -13.66
N1 MTA C . 6.46 7.69 -12.28
C2 MTA C . 5.48 7.73 -11.36
N3 MTA C . 4.88 6.72 -10.75
C4 MTA C . 5.38 5.54 -11.17
C1 EDO D . -6.81 6.09 11.33
O1 EDO D . -8.07 5.57 10.97
C2 EDO D . -6.40 5.61 12.66
O2 EDO D . -7.20 4.52 13.08
C1 GOL E . -14.35 4.12 -5.75
O1 GOL E . -13.08 3.55 -6.05
C2 GOL E . -15.52 3.56 -6.56
O2 GOL E . -15.62 2.13 -6.45
C3 GOL E . -16.85 4.25 -6.23
O3 GOL E . -17.30 4.05 -4.88
C1 GOL F . 10.81 -6.74 13.90
O1 GOL F . 9.77 -7.43 14.59
C2 GOL F . 11.62 -7.69 13.05
O2 GOL F . 10.73 -8.69 12.54
C3 GOL F . 12.77 -8.33 13.80
O3 GOL F . 13.60 -7.37 14.46
C ACT G . 6.55 -9.95 -12.18
O ACT G . 7.28 -9.51 -11.27
OXT ACT G . 5.57 -9.32 -12.62
CH3 ACT G . 6.87 -11.33 -12.80
#